data_9EMD
#
_entry.id   9EMD
#
_cell.length_a   90.495
_cell.length_b   90.495
_cell.length_c   98.634
_cell.angle_alpha   90.000
_cell.angle_beta   90.000
_cell.angle_gamma   120.000
#
_symmetry.space_group_name_H-M   'P 63'
#
loop_
_entity.id
_entity.type
_entity.pdbx_description
1 polymer 'Probable N-acetyltransferase 16'
2 non-polymer GLYCEROL
3 non-polymer '[[(2~{S},3~{S},4~{R},5~{R})-5-(6-aminopurin-9-yl)-4-oxidanyl-3-phosphonooxy-oxolan-2-yl]methoxy-oxidanyl-phosphoryl] [(3~{R})-4-[[3-[2-[2-[3-[[(2~{R})-4-[[[(2~{R},3~{S},4~{R},5~{R})-5-(6-aminopurin-9-yl)-4-oxidanyl-3-phosphonooxy-oxolan-2-yl]methoxy-oxidanyl-phosphoryl]oxy-oxidanyl-phosphoryl]oxy-3,3-dimethyl-2-oxidanyl-butanoyl]amino]propanoylamino]ethyldisulfanyl]ethylamino]-3-oxidanylidene-propyl]amino]-2,2-dimethyl-3-oxidanyl-4-oxidanylidene-butyl] hydrogen phosphate'
4 non-polymer 'MALONATE ION'
5 non-polymer HISTIDINE
6 non-polymer 'CHLORIDE ION'
7 water water
#
_entity_poly.entity_id   1
_entity_poly.type   'polypeptide(L)'
_entity_poly.pdbx_seq_one_letter_code
;MKLESSETRPQEVEAEPRSGSGPEAEAEPLDFVVATEREFEEVLAISGGIYGGLDYLPSRYHSWLRDPDRTVVLAKRNGG
VIALESVNVIDAGETVLVEGLRVAPWERGKGVAGLLQRFCSQLVKRQHPGVKVARLTRDDQLGPRELKKYRLITKQGILL
VRFNASALLAGLGARLAALRTSGTFSPLPTEAVSEAGGDVARLLLSPSVQRDVLPGGTIIQDWQPYRPSESNLRLLAAKG
LEWRVDSRARPRVLTLCTRPFPIPHGGDGTWRYLNIDAFGSDGAQVQSQLLWHLQRQAPRLVGLNVMCQLFLEPQLWSQL
ADFCQVGLGLELVKGYTEQYLLEADIHHHHHH
;
_entity_poly.pdbx_strand_id   A
#
# COMPACT_ATOMS: atom_id res chain seq x y z
N GLU A 24 20.34 29.87 17.62
CA GLU A 24 19.26 30.84 17.75
C GLU A 24 17.90 30.15 17.63
N ALA A 25 17.00 30.45 18.56
CA ALA A 25 15.65 29.90 18.49
C ALA A 25 14.91 30.49 17.29
N GLU A 26 13.91 29.74 16.82
CA GLU A 26 13.10 30.22 15.70
C GLU A 26 12.25 31.40 16.13
N ALA A 27 12.14 32.39 15.24
CA ALA A 27 11.41 33.61 15.58
C ALA A 27 9.92 33.35 15.80
N GLU A 28 9.34 32.38 15.09
CA GLU A 28 7.92 32.11 15.22
C GLU A 28 7.68 30.65 15.59
N PRO A 29 6.66 30.37 16.38
CA PRO A 29 6.44 28.99 16.88
C PRO A 29 5.74 28.13 15.84
N LEU A 30 5.65 26.83 16.16
CA LEU A 30 4.96 25.89 15.30
C LEU A 30 3.46 26.00 15.52
N ASP A 31 2.69 25.87 14.43
CA ASP A 31 1.24 25.88 14.49
C ASP A 31 0.76 24.64 13.75
N PHE A 32 -0.21 23.93 14.34
CA PHE A 32 -0.76 22.71 13.76
C PHE A 32 -2.17 23.00 13.29
N VAL A 33 -2.43 22.77 12.01
CA VAL A 33 -3.71 23.13 11.41
C VAL A 33 -4.17 21.99 10.52
N VAL A 34 -5.47 21.93 10.30
CA VAL A 34 -6.03 20.95 9.38
C VAL A 34 -5.80 21.42 7.95
N ALA A 35 -5.37 20.48 7.11
CA ALA A 35 -5.05 20.79 5.72
C ALA A 35 -6.30 21.13 4.91
N THR A 36 -6.11 21.99 3.91
CA THR A 36 -7.14 22.32 2.93
C THR A 36 -6.53 22.26 1.53
N GLU A 37 -7.38 22.42 0.52
CA GLU A 37 -6.86 22.43 -0.85
C GLU A 37 -5.88 23.57 -1.09
N ARG A 38 -5.96 24.65 -0.31
CA ARG A 38 -5.09 25.80 -0.52
C ARG A 38 -3.61 25.45 -0.32
N GLU A 39 -3.32 24.48 0.53
CA GLU A 39 -1.94 24.11 0.83
C GLU A 39 -1.39 23.02 -0.08
N PHE A 40 -2.16 22.57 -1.07
CA PHE A 40 -1.70 21.48 -1.93
C PHE A 40 -0.31 21.78 -2.52
N GLU A 41 -0.15 22.94 -3.16
CA GLU A 41 1.15 23.27 -3.77
C GLU A 41 2.25 23.31 -2.71
N GLU A 42 1.94 23.84 -1.53
CA GLU A 42 2.93 23.85 -0.45
C GLU A 42 3.27 22.43 -0.01
N VAL A 43 2.29 21.54 0.05
CA VAL A 43 2.58 20.16 0.43
C VAL A 43 3.47 19.50 -0.61
N LEU A 44 3.19 19.73 -1.89
CA LEU A 44 4.08 19.20 -2.92
C LEU A 44 5.51 19.71 -2.71
N ALA A 45 5.64 20.98 -2.34
CA ALA A 45 6.97 21.57 -2.25
C ALA A 45 7.82 20.95 -1.14
N ILE A 46 7.21 20.28 -0.17
CA ILE A 46 7.99 19.63 0.90
C ILE A 46 8.21 18.16 0.63
N SER A 47 7.76 17.63 -0.51
CA SER A 47 7.66 16.20 -0.73
C SER A 47 8.66 15.68 -1.75
N GLY A 48 9.66 16.48 -2.13
CA GLY A 48 10.64 16.05 -3.11
C GLY A 48 11.35 14.77 -2.74
N GLY A 49 11.44 13.84 -3.69
CA GLY A 49 12.22 12.63 -3.52
C GLY A 49 11.61 11.55 -2.65
N ILE A 50 10.40 11.74 -2.12
CA ILE A 50 9.85 10.77 -1.18
C ILE A 50 9.55 9.45 -1.88
N TYR A 51 9.89 8.34 -1.20
CA TYR A 51 9.75 6.97 -1.72
C TYR A 51 10.36 6.83 -3.11
N GLY A 52 11.45 7.55 -3.36
CA GLY A 52 12.18 7.40 -4.61
C GLY A 52 11.34 7.66 -5.84
N GLY A 53 10.31 8.48 -5.71
CA GLY A 53 9.42 8.80 -6.80
C GLY A 53 8.12 8.03 -6.80
N LEU A 54 7.92 7.12 -5.85
CA LEU A 54 6.71 6.32 -5.80
C LEU A 54 5.69 6.91 -4.83
N ASP A 55 5.89 8.17 -4.46
CA ASP A 55 5.01 8.85 -3.52
C ASP A 55 3.59 8.92 -4.07
N TYR A 56 2.62 8.49 -3.27
CA TYR A 56 1.21 8.53 -3.64
C TYR A 56 0.56 9.87 -3.33
N LEU A 57 1.17 10.71 -2.50
CA LEU A 57 0.40 11.83 -1.97
C LEU A 57 0.02 12.85 -3.03
N PRO A 58 0.88 13.14 -4.02
CA PRO A 58 0.44 14.04 -5.10
C PRO A 58 -0.88 13.61 -5.74
N SER A 59 -1.07 12.31 -5.95
CA SER A 59 -2.29 11.82 -6.57
C SER A 59 -3.44 11.70 -5.59
N ARG A 60 -3.16 11.60 -4.30
CA ARG A 60 -4.17 11.24 -3.31
C ARG A 60 -4.61 12.38 -2.41
N TYR A 61 -3.89 13.50 -2.40
CA TYR A 61 -4.14 14.55 -1.40
C TYR A 61 -5.59 15.04 -1.43
N HIS A 62 -6.13 15.27 -2.63
CA HIS A 62 -7.48 15.82 -2.72
C HIS A 62 -8.53 14.82 -2.22
N SER A 63 -8.33 13.54 -2.52
N SER A 63 -8.32 13.53 -2.47
CA SER A 63 -9.21 12.51 -1.97
CA SER A 63 -9.24 12.53 -1.95
C SER A 63 -9.15 12.50 -0.45
C SER A 63 -9.14 12.41 -0.44
N TRP A 64 -7.93 12.53 0.10
CA TRP A 64 -7.76 12.50 1.55
C TRP A 64 -8.62 13.56 2.22
N LEU A 65 -8.68 14.76 1.63
CA LEU A 65 -9.41 15.85 2.26
C LEU A 65 -10.90 15.59 2.30
N ARG A 66 -11.40 14.65 1.49
CA ARG A 66 -12.82 14.33 1.47
C ARG A 66 -13.18 13.16 2.39
N ASP A 67 -12.19 12.46 2.94
CA ASP A 67 -12.45 11.24 3.73
C ASP A 67 -13.04 11.61 5.09
N PRO A 68 -14.13 10.94 5.52
CA PRO A 68 -14.87 11.43 6.69
C PRO A 68 -14.22 11.10 8.03
N ASP A 69 -13.38 10.08 8.11
CA ASP A 69 -12.76 9.66 9.37
C ASP A 69 -11.28 10.03 9.41
N ARG A 70 -10.83 10.84 8.46
CA ARG A 70 -9.43 11.22 8.31
C ARG A 70 -9.25 12.68 8.69
N THR A 71 -8.14 12.96 9.38
CA THR A 71 -7.68 14.33 9.58
C THR A 71 -6.26 14.44 9.05
N VAL A 72 -6.05 15.35 8.11
CA VAL A 72 -4.74 15.63 7.56
C VAL A 72 -4.24 16.87 8.29
N VAL A 73 -3.16 16.72 9.06
CA VAL A 73 -2.62 17.79 9.88
C VAL A 73 -1.35 18.31 9.24
N LEU A 74 -1.25 19.63 9.13
CA LEU A 74 -0.03 20.31 8.72
C LEU A 74 0.63 20.98 9.91
N ALA A 75 1.94 20.86 10.00
CA ALA A 75 2.73 21.71 10.88
C ALA A 75 3.19 22.90 10.05
N LYS A 76 2.93 24.11 10.56
CA LYS A 76 3.37 25.34 9.92
C LYS A 76 4.28 26.11 10.87
N ARG A 77 5.27 26.78 10.28
CA ARG A 77 6.11 27.74 10.98
C ARG A 77 6.04 29.05 10.21
N ASN A 78 5.67 30.13 10.90
CA ASN A 78 5.54 31.42 10.26
C ASN A 78 4.67 31.35 9.00
N GLY A 79 3.58 30.62 9.09
CA GLY A 79 2.61 30.55 8.02
C GLY A 79 2.94 29.58 6.91
N GLY A 80 4.11 28.97 6.91
CA GLY A 80 4.54 28.08 5.84
C GLY A 80 4.53 26.62 6.27
N VAL A 81 4.04 25.74 5.38
CA VAL A 81 3.93 24.33 5.70
C VAL A 81 5.32 23.71 5.75
N ILE A 82 5.58 22.95 6.81
CA ILE A 82 6.88 22.27 6.91
C ILE A 82 6.76 20.78 7.18
N ALA A 83 5.54 20.30 7.44
CA ALA A 83 5.35 18.88 7.71
C ALA A 83 3.88 18.52 7.57
N LEU A 84 3.63 17.21 7.40
CA LEU A 84 2.28 16.71 7.22
C LEU A 84 2.18 15.33 7.85
N GLU A 85 1.01 15.04 8.40
CA GLU A 85 0.66 13.71 8.91
C GLU A 85 -0.83 13.49 8.73
N SER A 86 -1.22 12.29 8.32
CA SER A 86 -2.62 11.91 8.22
C SER A 86 -2.95 10.87 9.30
N VAL A 87 -4.07 11.06 9.99
CA VAL A 87 -4.61 10.06 10.90
C VAL A 87 -6.00 9.68 10.41
N ASN A 88 -6.26 8.37 10.29
CA ASN A 88 -7.53 7.88 9.77
C ASN A 88 -8.06 6.80 10.71
N VAL A 89 -9.28 6.96 11.18
CA VAL A 89 -9.87 6.02 12.13
C VAL A 89 -10.58 4.91 11.36
N ILE A 90 -10.19 3.67 11.63
CA ILE A 90 -10.71 2.50 10.92
C ILE A 90 -10.98 1.40 11.93
N ASP A 91 -11.26 0.19 11.45
CA ASP A 91 -11.53 -0.96 12.33
C ASP A 91 -12.65 -0.62 13.32
N ALA A 92 -13.74 -0.07 12.78
CA ALA A 92 -14.94 0.23 13.55
C ALA A 92 -14.61 1.07 14.79
N GLY A 93 -13.74 2.06 14.58
CA GLY A 93 -13.40 3.03 15.60
C GLY A 93 -12.30 2.63 16.55
N GLU A 94 -11.70 1.45 16.40
CA GLU A 94 -10.72 0.99 17.37
C GLU A 94 -9.27 1.28 17.00
N THR A 95 -9.01 1.66 15.74
CA THR A 95 -7.66 1.82 15.23
C THR A 95 -7.49 3.17 14.58
N VAL A 96 -6.35 3.82 14.82
CA VAL A 96 -5.94 4.98 14.03
C VAL A 96 -4.77 4.56 13.14
N LEU A 97 -4.92 4.74 11.85
CA LEU A 97 -3.85 4.52 10.88
C LEU A 97 -3.10 5.84 10.64
N VAL A 98 -1.79 5.80 10.83
CA VAL A 98 -0.94 6.97 10.61
C VAL A 98 -0.29 6.84 9.23
N GLU A 99 -0.47 7.85 8.39
CA GLU A 99 0.07 7.81 7.04
C GLU A 99 0.73 9.12 6.63
N GLY A 100 1.62 9.02 5.64
CA GLY A 100 2.13 10.19 4.96
C GLY A 100 3.09 11.05 5.73
N LEU A 101 3.57 10.60 6.89
CA LEU A 101 4.42 11.45 7.71
C LEU A 101 5.61 11.97 6.91
N ARG A 102 5.76 13.29 6.88
CA ARG A 102 6.84 13.88 6.11
C ARG A 102 7.17 15.26 6.67
N VAL A 103 8.46 15.59 6.64
CA VAL A 103 8.97 16.88 7.05
C VAL A 103 9.80 17.44 5.91
N ALA A 104 9.66 18.73 5.66
CA ALA A 104 10.41 19.35 4.58
C ALA A 104 11.90 19.04 4.72
N PRO A 105 12.61 18.74 3.62
CA PRO A 105 14.04 18.42 3.77
C PRO A 105 14.81 19.44 4.58
N TRP A 106 14.50 20.72 4.42
CA TRP A 106 15.22 21.78 5.11
C TRP A 106 14.81 21.95 6.56
N GLU A 107 13.85 21.15 7.05
CA GLU A 107 13.44 21.22 8.45
C GLU A 107 13.70 19.91 9.21
N ARG A 108 14.41 18.96 8.61
CA ARG A 108 14.58 17.63 9.19
C ARG A 108 15.67 17.63 10.26
N GLY A 109 15.59 16.65 11.16
CA GLY A 109 16.57 16.49 12.21
C GLY A 109 16.47 17.45 13.37
N LYS A 110 15.32 18.13 13.52
CA LYS A 110 15.12 19.12 14.57
C LYS A 110 14.00 18.73 15.52
N GLY A 111 13.43 17.54 15.36
CA GLY A 111 12.31 17.09 16.19
C GLY A 111 10.93 17.40 15.65
N VAL A 112 10.83 17.95 14.45
CA VAL A 112 9.52 18.37 13.92
C VAL A 112 8.56 17.19 13.82
N ALA A 113 9.00 16.08 13.21
CA ALA A 113 8.12 14.93 13.08
C ALA A 113 7.62 14.45 14.44
N GLY A 114 8.49 14.47 15.44
CA GLY A 114 8.07 14.06 16.77
C GLY A 114 6.99 14.95 17.35
N LEU A 115 7.14 16.27 17.16
CA LEU A 115 6.13 17.19 17.66
C LEU A 115 4.81 17.02 16.91
N LEU A 116 4.88 16.78 15.60
CA LEU A 116 3.67 16.56 14.83
C LEU A 116 2.97 15.28 15.28
N GLN A 117 3.75 14.21 15.49
CA GLN A 117 3.16 12.96 15.94
C GLN A 117 2.43 13.14 17.28
N ARG A 118 3.01 13.94 18.17
CA ARG A 118 2.40 14.17 19.48
C ARG A 118 1.12 14.97 19.36
N PHE A 119 1.13 16.01 18.53
CA PHE A 119 -0.10 16.76 18.32
C PHE A 119 -1.20 15.84 17.78
N CYS A 120 -0.85 14.99 16.81
CA CYS A 120 -1.88 14.15 16.18
C CYS A 120 -2.38 13.10 17.14
N SER A 121 -1.49 12.54 17.97
CA SER A 121 -1.95 11.53 18.92
C SER A 121 -2.88 12.16 19.95
N GLN A 122 -2.56 13.38 20.41
CA GLN A 122 -3.45 14.08 21.32
C GLN A 122 -4.78 14.39 20.66
N LEU A 123 -4.75 14.76 19.38
CA LEU A 123 -5.98 15.07 18.66
C LEU A 123 -6.87 13.84 18.59
N VAL A 124 -6.27 12.69 18.25
CA VAL A 124 -7.04 11.45 18.13
C VAL A 124 -7.64 11.07 19.48
N LYS A 125 -6.83 11.14 20.55
CA LYS A 125 -7.34 10.81 21.88
C LYS A 125 -8.47 11.74 22.28
N ARG A 126 -8.41 13.01 21.89
N ARG A 126 -8.40 13.00 21.86
CA ARG A 126 -9.48 13.92 22.26
CA ARG A 126 -9.43 13.98 22.21
C ARG A 126 -10.75 13.60 21.48
C ARG A 126 -10.73 13.68 21.46
N GLN A 127 -10.63 13.42 20.16
CA GLN A 127 -11.82 13.32 19.33
C GLN A 127 -12.38 11.92 19.22
N HIS A 128 -11.55 10.90 19.42
CA HIS A 128 -11.93 9.51 19.19
C HIS A 128 -11.48 8.67 20.38
N PRO A 129 -12.16 8.80 21.51
CA PRO A 129 -11.75 8.01 22.69
C PRO A 129 -11.86 6.51 22.49
N GLY A 130 -12.60 6.05 21.48
CA GLY A 130 -12.71 4.63 21.22
C GLY A 130 -11.45 4.02 20.64
N VAL A 131 -10.53 4.84 20.15
CA VAL A 131 -9.34 4.32 19.49
C VAL A 131 -8.42 3.69 20.54
N LYS A 132 -8.08 2.42 20.33
CA LYS A 132 -7.26 1.65 21.26
C LYS A 132 -5.83 1.48 20.80
N VAL A 133 -5.57 1.47 19.50
CA VAL A 133 -4.23 1.28 18.98
C VAL A 133 -3.98 2.18 17.78
N ALA A 134 -2.70 2.42 17.52
CA ALA A 134 -2.23 3.06 16.31
C ALA A 134 -1.53 2.01 15.46
N ARG A 135 -1.70 2.11 14.14
CA ARG A 135 -1.06 1.19 13.22
C ARG A 135 -0.37 2.01 12.13
N LEU A 136 0.67 1.43 11.54
CA LEU A 136 1.34 2.01 10.39
C LEU A 136 2.10 0.88 9.69
N THR A 137 2.42 1.10 8.42
CA THR A 137 3.36 0.25 7.70
C THR A 137 4.61 1.05 7.31
N ARG A 138 5.72 0.33 7.19
CA ARG A 138 6.97 0.93 6.78
C ARG A 138 7.87 -0.17 6.22
N ASP A 139 8.90 0.26 5.49
CA ASP A 139 9.83 -0.70 4.89
C ASP A 139 11.29 -0.41 5.21
N ASP A 140 11.59 0.55 6.08
CA ASP A 140 12.99 0.72 6.48
C ASP A 140 13.33 -0.27 7.58
N GLN A 141 14.62 -0.60 7.68
CA GLN A 141 15.06 -1.60 8.65
C GLN A 141 14.62 -1.21 10.07
N LEU A 142 14.15 -2.21 10.81
CA LEU A 142 13.69 -2.03 12.18
C LEU A 142 14.87 -2.10 13.16
N GLY A 143 15.06 -1.05 13.94
CA GLY A 143 16.11 -1.00 14.92
C GLY A 143 15.63 -1.33 16.32
N PRO A 144 16.54 -1.33 17.29
CA PRO A 144 16.12 -1.59 18.68
C PRO A 144 14.95 -0.71 19.10
N ARG A 145 14.93 0.54 18.64
CA ARG A 145 13.90 1.48 19.06
C ARG A 145 12.53 0.99 18.60
N GLU A 146 12.40 0.61 17.33
CA GLU A 146 11.11 0.21 16.80
C GLU A 146 10.56 -1.01 17.53
N LEU A 147 11.40 -2.03 17.73
CA LEU A 147 10.96 -3.24 18.39
C LEU A 147 10.52 -2.98 19.83
N LYS A 148 10.97 -1.89 20.44
CA LYS A 148 10.55 -1.59 21.80
C LYS A 148 9.19 -0.89 21.84
N LYS A 149 8.92 -0.05 20.83
CA LYS A 149 7.72 0.78 20.87
C LYS A 149 6.53 0.14 20.18
N TYR A 150 6.77 -0.78 19.25
CA TYR A 150 5.71 -1.32 18.42
C TYR A 150 5.71 -2.85 18.51
N ARG A 151 4.51 -3.40 18.37
CA ARG A 151 4.35 -4.83 18.10
C ARG A 151 4.37 -5.03 16.59
N LEU A 152 5.02 -6.11 16.15
CA LEU A 152 4.99 -6.47 14.73
C LEU A 152 3.82 -7.43 14.52
N ILE A 153 2.80 -6.97 13.80
CA ILE A 153 1.64 -7.81 13.52
C ILE A 153 1.97 -8.82 12.44
N THR A 154 2.65 -8.38 11.39
CA THR A 154 3.02 -9.27 10.30
C THR A 154 4.02 -8.52 9.44
N LYS A 155 4.60 -9.24 8.49
CA LYS A 155 5.46 -8.63 7.49
C LYS A 155 5.32 -9.40 6.18
N GLN A 156 5.47 -8.65 5.08
CA GLN A 156 5.46 -9.22 3.74
C GLN A 156 6.76 -8.86 3.04
N GLY A 157 7.23 -9.73 2.16
CA GLY A 157 8.31 -9.35 1.26
C GLY A 157 7.80 -8.38 0.20
N ILE A 158 8.71 -7.57 -0.34
CA ILE A 158 8.39 -6.54 -1.32
C ILE A 158 9.19 -6.84 -2.58
N LEU A 159 8.48 -6.98 -3.72
CA LEU A 159 9.10 -7.18 -5.02
C LEU A 159 8.70 -6.01 -5.91
N LEU A 160 9.67 -5.22 -6.38
CA LEU A 160 9.38 -4.05 -7.18
C LEU A 160 9.99 -4.23 -8.56
N VAL A 161 9.15 -4.23 -9.58
CA VAL A 161 9.61 -4.34 -10.96
C VAL A 161 9.08 -3.16 -11.76
N ARG A 162 9.69 -2.94 -12.93
CA ARG A 162 9.25 -1.87 -13.81
C ARG A 162 9.07 -2.41 -15.22
N PHE A 163 8.13 -1.82 -15.95
CA PHE A 163 7.95 -2.19 -17.35
C PHE A 163 7.21 -1.09 -18.09
N ASN A 164 7.37 -1.09 -19.41
CA ASN A 164 6.57 -0.28 -20.32
C ASN A 164 5.33 -1.09 -20.68
N ALA A 165 4.15 -0.54 -20.42
CA ALA A 165 2.93 -1.34 -20.56
C ALA A 165 2.74 -1.81 -22.00
N SER A 166 2.99 -0.93 -22.98
CA SER A 166 2.81 -1.33 -24.37
C SER A 166 3.77 -2.44 -24.75
N ALA A 167 5.02 -2.36 -24.28
CA ALA A 167 6.00 -3.38 -24.60
C ALA A 167 5.64 -4.71 -23.95
N LEU A 168 5.16 -4.68 -22.71
CA LEU A 168 4.72 -5.90 -22.04
C LEU A 168 3.62 -6.56 -22.87
N LEU A 169 2.59 -5.79 -23.21
CA LEU A 169 1.47 -6.35 -23.97
C LEU A 169 1.90 -6.89 -25.31
N ALA A 170 2.81 -6.18 -26.01
CA ALA A 170 3.23 -6.61 -27.34
C ALA A 170 3.98 -7.93 -27.32
N GLY A 171 4.65 -8.25 -26.22
CA GLY A 171 5.46 -9.44 -26.16
C GLY A 171 4.93 -10.58 -25.32
N LEU A 172 3.86 -10.33 -24.55
CA LEU A 172 3.44 -11.32 -23.56
C LEU A 172 2.97 -12.62 -24.22
N GLY A 173 2.22 -12.50 -25.32
CA GLY A 173 1.75 -13.70 -26.02
C GLY A 173 2.89 -14.64 -26.38
N ALA A 174 3.91 -14.11 -27.06
CA ALA A 174 5.04 -14.94 -27.43
C ALA A 174 5.76 -15.47 -26.20
N ARG A 175 5.86 -14.65 -25.14
N ARG A 175 5.86 -14.65 -25.15
CA ARG A 175 6.52 -15.08 -23.92
CA ARG A 175 6.50 -15.07 -23.91
C ARG A 175 5.83 -16.30 -23.32
C ARG A 175 5.83 -16.31 -23.35
N LEU A 176 4.51 -16.21 -23.11
CA LEU A 176 3.78 -17.35 -22.54
C LEU A 176 3.86 -18.57 -23.45
N ALA A 177 3.76 -18.36 -24.77
CA ALA A 177 3.79 -19.49 -25.69
C ALA A 177 5.10 -20.24 -25.61
N ALA A 178 6.21 -19.51 -25.43
CA ALA A 178 7.51 -20.18 -25.31
C ALA A 178 7.63 -20.86 -23.96
N LEU A 179 7.08 -20.24 -22.91
CA LEU A 179 7.10 -20.87 -21.60
C LEU A 179 6.29 -22.16 -21.57
N ARG A 180 5.21 -22.21 -22.34
N ARG A 180 5.23 -22.23 -22.36
CA ARG A 180 4.38 -23.41 -22.40
CA ARG A 180 4.39 -23.43 -22.38
C ARG A 180 5.09 -24.52 -23.15
C ARG A 180 5.04 -24.54 -23.18
N THR A 181 5.51 -24.23 -24.39
CA THR A 181 6.16 -25.26 -25.21
C THR A 181 7.47 -25.74 -24.59
N SER A 182 8.12 -24.89 -23.79
CA SER A 182 9.32 -25.27 -23.08
C SER A 182 9.04 -26.20 -21.91
N GLY A 183 7.78 -26.36 -21.50
CA GLY A 183 7.48 -27.08 -20.28
C GLY A 183 7.92 -26.38 -19.03
N THR A 184 8.16 -25.07 -19.11
CA THR A 184 8.69 -24.30 -17.99
C THR A 184 7.61 -23.64 -17.16
N PHE A 185 6.52 -23.20 -17.80
CA PHE A 185 5.43 -22.56 -17.06
C PHE A 185 4.19 -22.52 -17.94
N SER A 186 3.05 -22.87 -17.34
CA SER A 186 1.74 -22.68 -17.92
C SER A 186 0.83 -22.09 -16.84
N PRO A 187 0.02 -21.09 -17.18
CA PRO A 187 -0.87 -20.51 -16.15
C PRO A 187 -1.78 -21.58 -15.56
N LEU A 188 -1.87 -21.58 -14.22
CA LEU A 188 -2.80 -22.42 -13.50
C LEU A 188 -4.19 -21.78 -13.49
N PRO A 189 -5.24 -22.61 -13.41
CA PRO A 189 -6.59 -22.04 -13.29
C PRO A 189 -6.72 -21.19 -12.03
N THR A 190 -7.42 -20.06 -12.18
CA THR A 190 -7.78 -19.19 -11.07
C THR A 190 -9.28 -18.91 -11.18
N GLU A 191 -9.84 -18.36 -10.11
CA GLU A 191 -11.29 -18.16 -10.04
C GLU A 191 -11.63 -16.70 -9.76
N ALA A 192 -12.75 -16.29 -10.35
CA ALA A 192 -13.24 -14.93 -10.26
C ALA A 192 -13.71 -14.61 -8.85
N VAL A 193 -13.53 -13.35 -8.45
CA VAL A 193 -13.99 -12.84 -7.17
C VAL A 193 -14.74 -11.55 -7.47
N SER A 194 -16.05 -11.55 -7.21
CA SER A 194 -16.90 -10.38 -7.40
C SER A 194 -17.23 -9.74 -6.04
N GLU A 195 -16.97 -8.45 -5.92
CA GLU A 195 -17.42 -7.75 -4.72
C GLU A 195 -18.94 -7.66 -4.71
N ALA A 196 -19.51 -7.15 -5.80
CA ALA A 196 -20.95 -7.01 -5.88
C ALA A 196 -21.66 -8.34 -5.68
N GLY A 197 -21.07 -9.42 -6.17
CA GLY A 197 -21.66 -10.74 -6.03
C GLY A 197 -21.54 -11.34 -4.65
N GLY A 198 -20.79 -10.71 -3.74
CA GLY A 198 -20.63 -11.22 -2.40
C GLY A 198 -19.45 -12.14 -2.19
N ASP A 199 -18.63 -12.36 -3.22
CA ASP A 199 -17.50 -13.28 -3.07
C ASP A 199 -16.45 -12.73 -2.11
N VAL A 200 -16.20 -11.41 -2.15
CA VAL A 200 -15.17 -10.83 -1.29
C VAL A 200 -15.53 -11.05 0.17
N ALA A 201 -16.79 -10.80 0.53
CA ALA A 201 -17.22 -10.98 1.91
C ALA A 201 -17.13 -12.44 2.35
N ARG A 202 -17.54 -13.37 1.48
CA ARG A 202 -17.48 -14.78 1.87
C ARG A 202 -16.05 -15.23 2.13
N LEU A 203 -15.08 -14.66 1.41
CA LEU A 203 -13.68 -14.97 1.61
C LEU A 203 -13.11 -14.28 2.84
N LEU A 204 -13.24 -12.95 2.92
CA LEU A 204 -12.53 -12.22 3.97
C LEU A 204 -13.20 -12.36 5.34
N LEU A 205 -14.48 -12.72 5.40
CA LEU A 205 -15.12 -12.94 6.69
C LEU A 205 -15.02 -14.38 7.17
N SER A 206 -14.35 -15.23 6.41
CA SER A 206 -14.17 -16.62 6.84
C SER A 206 -13.03 -16.70 7.86
N PRO A 207 -13.26 -17.30 9.03
CA PRO A 207 -12.17 -17.38 10.00
C PRO A 207 -10.97 -18.19 9.53
N SER A 208 -11.18 -19.24 8.73
CA SER A 208 -10.05 -20.03 8.24
C SER A 208 -9.25 -19.29 7.18
N VAL A 209 -9.90 -18.50 6.32
CA VAL A 209 -9.15 -17.63 5.42
C VAL A 209 -8.32 -16.63 6.23
N GLN A 210 -8.95 -16.03 7.24
CA GLN A 210 -8.23 -15.05 8.07
C GLN A 210 -7.01 -15.70 8.72
N ARG A 211 -7.16 -16.93 9.21
CA ARG A 211 -6.07 -17.59 9.92
C ARG A 211 -4.99 -18.10 8.95
N ASP A 212 -5.40 -18.67 7.82
CA ASP A 212 -4.51 -19.48 7.00
C ASP A 212 -4.00 -18.74 5.76
N VAL A 213 -4.67 -17.69 5.34
CA VAL A 213 -4.34 -16.97 4.11
C VAL A 213 -3.84 -15.55 4.38
N LEU A 214 -4.57 -14.76 5.16
CA LEU A 214 -4.20 -13.37 5.37
C LEU A 214 -2.95 -13.25 6.25
N PRO A 215 -2.03 -12.35 5.93
CA PRO A 215 -0.82 -12.19 6.75
C PRO A 215 -1.18 -11.59 8.10
N GLY A 216 -0.87 -12.33 9.15
CA GLY A 216 -1.25 -11.88 10.48
C GLY A 216 -2.74 -11.62 10.62
N GLY A 217 -3.56 -12.35 9.86
CA GLY A 217 -5.00 -12.17 9.93
C GLY A 217 -5.48 -10.84 9.43
N THR A 218 -4.66 -10.13 8.66
CA THR A 218 -4.90 -8.74 8.28
C THR A 218 -4.94 -8.59 6.76
N ILE A 219 -5.88 -7.77 6.29
CA ILE A 219 -5.86 -7.31 4.91
C ILE A 219 -4.87 -6.15 4.84
N ILE A 220 -3.86 -6.27 3.98
CA ILE A 220 -3.01 -5.13 3.64
C ILE A 220 -3.28 -4.79 2.19
N GLN A 221 -3.68 -3.55 1.95
CA GLN A 221 -4.06 -3.07 0.62
C GLN A 221 -3.31 -1.77 0.33
N ASP A 222 -2.33 -1.82 -0.58
CA ASP A 222 -1.58 -0.62 -0.90
C ASP A 222 -1.10 0.07 0.38
N TRP A 223 -0.43 -0.71 1.22
CA TRP A 223 0.20 -0.32 2.48
C TRP A 223 -0.79 -0.01 3.59
N GLN A 224 -2.09 -0.17 3.36
CA GLN A 224 -3.11 0.23 4.35
C GLN A 224 -3.71 -1.01 4.98
N PRO A 225 -3.55 -1.20 6.29
CA PRO A 225 -4.03 -2.43 6.94
C PRO A 225 -5.47 -2.29 7.41
N TYR A 226 -6.23 -3.36 7.22
CA TYR A 226 -7.61 -3.43 7.70
C TYR A 226 -7.88 -4.75 8.39
N ARG A 227 -8.49 -4.70 9.57
N ARG A 227 -8.49 -4.70 9.57
CA ARG A 227 -9.01 -5.92 10.17
CA ARG A 227 -9.04 -5.91 10.16
C ARG A 227 -10.13 -6.47 9.28
C ARG A 227 -10.11 -6.47 9.24
N PRO A 228 -10.24 -7.78 9.12
CA PRO A 228 -11.25 -8.33 8.20
C PRO A 228 -12.64 -8.30 8.78
N SER A 229 -13.37 -7.22 8.55
CA SER A 229 -14.66 -6.96 9.15
C SER A 229 -15.58 -6.36 8.09
N GLU A 230 -16.90 -6.48 8.31
CA GLU A 230 -17.84 -5.92 7.33
C GLU A 230 -17.68 -4.41 7.21
N SER A 231 -17.43 -3.73 8.34
N SER A 231 -17.40 -3.74 8.34
CA SER A 231 -17.22 -2.29 8.31
CA SER A 231 -17.24 -2.28 8.29
C SER A 231 -16.09 -1.91 7.37
C SER A 231 -16.08 -1.89 7.38
N ASN A 232 -14.96 -2.62 7.46
CA ASN A 232 -13.83 -2.31 6.60
C ASN A 232 -14.06 -2.78 5.17
N LEU A 233 -14.83 -3.85 4.99
CA LEU A 233 -15.13 -4.28 3.63
C LEU A 233 -15.91 -3.20 2.88
N ARG A 234 -16.76 -2.42 3.57
CA ARG A 234 -17.44 -1.31 2.90
C ARG A 234 -16.44 -0.27 2.40
N LEU A 235 -15.40 0.02 3.20
CA LEU A 235 -14.35 0.94 2.78
C LEU A 235 -13.60 0.41 1.57
N LEU A 236 -13.24 -0.88 1.60
CA LEU A 236 -12.50 -1.45 0.48
C LEU A 236 -13.37 -1.48 -0.78
N ALA A 237 -14.67 -1.70 -0.63
CA ALA A 237 -15.55 -1.82 -1.79
C ALA A 237 -15.56 -0.53 -2.62
N ALA A 238 -15.28 0.60 -1.99
CA ALA A 238 -15.37 1.88 -2.68
C ALA A 238 -14.11 2.25 -3.45
N LYS A 239 -13.04 1.45 -3.36
CA LYS A 239 -11.75 1.85 -3.90
C LYS A 239 -11.47 1.37 -5.32
N GLY A 240 -12.34 0.57 -5.91
CA GLY A 240 -12.07 0.08 -7.26
C GLY A 240 -11.02 -1.01 -7.33
N LEU A 241 -10.98 -1.87 -6.31
CA LEU A 241 -10.03 -2.97 -6.25
C LEU A 241 -10.48 -4.14 -7.11
N GLU A 242 -9.50 -4.94 -7.55
CA GLU A 242 -9.76 -6.20 -8.25
C GLU A 242 -9.14 -7.32 -7.46
N TRP A 243 -9.89 -8.40 -7.31
CA TRP A 243 -9.49 -9.54 -6.51
C TRP A 243 -9.38 -10.77 -7.41
N ARG A 244 -8.54 -11.73 -7.02
CA ARG A 244 -8.45 -13.01 -7.69
C ARG A 244 -8.14 -14.04 -6.62
N VAL A 245 -8.56 -15.28 -6.83
CA VAL A 245 -8.36 -16.34 -5.84
C VAL A 245 -8.07 -17.62 -6.60
N ASP A 246 -7.45 -18.58 -5.91
CA ASP A 246 -7.21 -19.85 -6.57
C ASP A 246 -8.49 -20.69 -6.62
N SER A 247 -9.24 -20.72 -5.51
CA SER A 247 -10.51 -21.45 -5.45
C SER A 247 -11.40 -20.76 -4.44
N ARG A 248 -12.60 -20.37 -4.86
CA ARG A 248 -13.56 -19.82 -3.90
C ARG A 248 -13.97 -20.86 -2.85
N ALA A 249 -14.12 -22.12 -3.27
CA ALA A 249 -14.53 -23.16 -2.32
C ALA A 249 -13.41 -23.55 -1.38
N ARG A 250 -12.17 -23.46 -1.84
CA ARG A 250 -11.00 -23.96 -1.12
C ARG A 250 -9.90 -22.92 -1.25
N PRO A 251 -10.07 -21.75 -0.63
CA PRO A 251 -9.12 -20.65 -0.88
C PRO A 251 -7.78 -20.89 -0.19
N ARG A 252 -6.70 -20.71 -0.96
CA ARG A 252 -5.35 -20.80 -0.41
C ARG A 252 -4.51 -19.57 -0.76
N VAL A 253 -4.78 -18.96 -1.92
CA VAL A 253 -4.03 -17.77 -2.34
C VAL A 253 -5.04 -16.75 -2.87
N LEU A 254 -5.03 -15.56 -2.28
CA LEU A 254 -5.92 -14.46 -2.62
C LEU A 254 -5.06 -13.24 -2.95
N THR A 255 -5.32 -12.63 -4.11
CA THR A 255 -4.57 -11.46 -4.53
C THR A 255 -5.49 -10.27 -4.76
N LEU A 256 -4.90 -9.09 -4.57
CA LEU A 256 -5.64 -7.83 -4.48
C LEU A 256 -4.86 -6.77 -5.23
N CYS A 257 -5.46 -6.23 -6.29
CA CYS A 257 -4.82 -5.22 -7.13
C CYS A 257 -5.50 -3.87 -6.91
N THR A 258 -4.70 -2.87 -6.56
CA THR A 258 -5.17 -1.51 -6.37
C THR A 258 -5.10 -0.78 -7.71
N ARG A 259 -6.12 0.01 -8.01
N ARG A 259 -6.12 0.01 -8.01
CA ARG A 259 -6.16 0.72 -9.28
CA ARG A 259 -6.15 0.72 -9.28
C ARG A 259 -4.90 1.56 -9.40
C ARG A 259 -4.89 1.56 -9.41
N PRO A 260 -4.21 1.54 -10.55
CA PRO A 260 -2.98 2.31 -10.68
C PRO A 260 -3.24 3.81 -10.64
N PHE A 261 -2.24 4.56 -10.20
CA PHE A 261 -2.35 6.00 -10.09
C PHE A 261 -1.02 6.66 -10.45
N PRO A 262 -1.05 7.93 -10.82
CA PRO A 262 0.18 8.60 -11.25
C PRO A 262 1.14 8.82 -10.09
N ILE A 263 2.42 8.72 -10.40
CA ILE A 263 3.48 9.01 -9.42
C ILE A 263 4.50 9.92 -10.08
N PRO A 264 5.26 10.66 -9.27
CA PRO A 264 6.17 11.67 -9.83
C PRO A 264 7.41 11.08 -10.47
N HIS A 265 7.73 9.81 -10.23
CA HIS A 265 8.92 9.19 -10.76
C HIS A 265 9.18 9.58 -12.22
N GLY A 266 10.41 9.98 -12.51
CA GLY A 266 10.82 10.33 -13.85
C GLY A 266 10.53 11.76 -14.26
N GLY A 267 9.62 12.44 -13.57
CA GLY A 267 9.33 13.82 -13.83
C GLY A 267 8.68 14.13 -15.16
N ASP A 268 8.30 13.12 -15.95
CA ASP A 268 7.69 13.36 -17.24
C ASP A 268 6.21 12.99 -17.28
N GLY A 269 5.63 12.57 -16.15
CA GLY A 269 4.22 12.30 -16.06
C GLY A 269 3.76 10.97 -16.62
N THR A 270 4.68 10.15 -17.10
CA THR A 270 4.32 8.90 -17.78
C THR A 270 4.25 7.70 -16.84
N TRP A 271 4.60 7.85 -15.57
CA TRP A 271 4.71 6.71 -14.67
C TRP A 271 3.47 6.52 -13.81
N ARG A 272 3.10 5.26 -13.64
CA ARG A 272 2.00 4.84 -12.79
C ARG A 272 2.49 3.78 -11.81
N TYR A 273 1.84 3.74 -10.65
CA TYR A 273 2.16 2.78 -9.61
C TYR A 273 1.06 1.73 -9.54
N LEU A 274 1.44 0.45 -9.69
CA LEU A 274 0.52 -0.68 -9.71
C LEU A 274 0.85 -1.58 -8.54
N ASN A 275 -0.01 -1.57 -7.53
CA ASN A 275 0.19 -2.27 -6.27
C ASN A 275 -0.62 -3.56 -6.25
N ILE A 276 0.06 -4.69 -5.99
CA ILE A 276 -0.60 -5.99 -5.90
C ILE A 276 -0.21 -6.61 -4.56
N ASP A 277 -1.21 -6.88 -3.73
CA ASP A 277 -1.00 -7.57 -2.46
C ASP A 277 -1.39 -9.03 -2.64
N ALA A 278 -0.48 -9.93 -2.30
CA ALA A 278 -0.69 -11.38 -2.45
C ALA A 278 -0.71 -12.03 -1.08
N PHE A 279 -1.79 -12.75 -0.78
CA PHE A 279 -1.96 -13.39 0.52
C PHE A 279 -1.95 -14.91 0.33
N GLY A 280 -1.03 -15.59 1.01
CA GLY A 280 -1.01 -17.04 1.00
C GLY A 280 0.33 -17.60 0.59
N SER A 281 0.42 -18.94 0.62
CA SER A 281 1.70 -19.62 0.62
C SER A 281 2.06 -20.37 -0.66
N ASP A 282 1.18 -20.45 -1.66
CA ASP A 282 1.41 -21.26 -2.87
C ASP A 282 1.99 -20.34 -3.94
N GLY A 283 3.30 -20.47 -4.18
CA GLY A 283 3.97 -19.59 -5.12
C GLY A 283 3.48 -19.73 -6.55
N ALA A 284 3.13 -20.96 -6.95
CA ALA A 284 2.63 -21.16 -8.31
C ALA A 284 1.32 -20.40 -8.52
N GLN A 285 0.48 -20.32 -7.50
CA GLN A 285 -0.74 -19.54 -7.65
C GLN A 285 -0.46 -18.05 -7.59
N VAL A 286 0.51 -17.61 -6.78
CA VAL A 286 0.89 -16.19 -6.83
C VAL A 286 1.36 -15.83 -8.23
N GLN A 287 2.14 -16.71 -8.86
CA GLN A 287 2.59 -16.45 -10.23
C GLN A 287 1.40 -16.31 -11.19
N SER A 288 0.48 -17.28 -11.15
CA SER A 288 -0.62 -17.24 -12.10
C SER A 288 -1.56 -16.08 -11.83
N GLN A 289 -1.78 -15.73 -10.56
CA GLN A 289 -2.65 -14.60 -10.24
C GLN A 289 -1.96 -13.27 -10.58
N LEU A 290 -0.65 -13.17 -10.38
CA LEU A 290 0.07 -11.97 -10.81
C LEU A 290 -0.12 -11.75 -12.31
N LEU A 291 0.06 -12.81 -13.09
CA LEU A 291 -0.10 -12.73 -14.54
C LEU A 291 -1.52 -12.27 -14.89
N TRP A 292 -2.52 -12.82 -14.19
CA TRP A 292 -3.90 -12.44 -14.45
C TRP A 292 -4.09 -10.94 -14.23
N HIS A 293 -3.56 -10.41 -13.12
CA HIS A 293 -3.73 -8.98 -12.86
C HIS A 293 -2.98 -8.15 -13.89
N LEU A 294 -1.78 -8.58 -14.31
CA LEU A 294 -1.06 -7.82 -15.33
C LEU A 294 -1.84 -7.77 -16.64
N GLN A 295 -2.46 -8.89 -17.03
CA GLN A 295 -3.24 -8.91 -18.26
C GLN A 295 -4.50 -8.04 -18.14
N ARG A 296 -5.05 -7.92 -16.92
CA ARG A 296 -6.20 -7.06 -16.70
C ARG A 296 -5.82 -5.59 -16.71
N GLN A 297 -4.68 -5.23 -16.12
CA GLN A 297 -4.35 -3.83 -15.87
C GLN A 297 -3.54 -3.19 -16.97
N ALA A 298 -2.72 -3.95 -17.67
CA ALA A 298 -1.81 -3.32 -18.63
C ALA A 298 -2.53 -2.66 -19.79
N PRO A 299 -3.63 -3.22 -20.32
CA PRO A 299 -4.33 -2.53 -21.42
C PRO A 299 -4.75 -1.12 -21.06
N ARG A 300 -5.11 -0.86 -19.80
CA ARG A 300 -5.47 0.48 -19.38
C ARG A 300 -4.28 1.41 -19.26
N LEU A 301 -3.07 0.86 -19.26
CA LEU A 301 -1.84 1.62 -19.06
C LEU A 301 -1.06 1.82 -20.35
N VAL A 302 -1.67 1.52 -21.50
CA VAL A 302 -0.98 1.66 -22.77
C VAL A 302 -0.43 3.07 -22.91
N GLY A 303 0.80 3.16 -23.39
CA GLY A 303 1.49 4.42 -23.52
C GLY A 303 2.16 4.92 -22.27
N LEU A 304 2.03 4.21 -21.16
CA LEU A 304 2.56 4.64 -19.88
C LEU A 304 3.59 3.65 -19.36
N ASN A 305 4.32 4.06 -18.33
CA ASN A 305 5.36 3.28 -17.66
C ASN A 305 4.88 2.92 -16.27
N VAL A 306 5.27 1.73 -15.80
CA VAL A 306 4.65 1.13 -14.62
C VAL A 306 5.72 0.72 -13.62
N MET A 307 5.59 1.22 -12.38
CA MET A 307 6.24 0.61 -11.23
C MET A 307 5.23 -0.36 -10.62
N CYS A 308 5.51 -1.66 -10.70
CA CYS A 308 4.60 -2.68 -10.21
C CYS A 308 5.22 -3.29 -8.94
N GLN A 309 4.53 -3.14 -7.82
CA GLN A 309 5.07 -3.59 -6.55
C GLN A 309 4.17 -4.67 -5.97
N LEU A 310 4.76 -5.86 -5.80
CA LEU A 310 4.08 -7.05 -5.31
C LEU A 310 4.52 -7.32 -3.88
N PHE A 311 3.55 -7.50 -3.00
CA PHE A 311 3.79 -7.84 -1.60
C PHE A 311 3.33 -9.28 -1.38
N LEU A 312 4.20 -10.09 -0.77
CA LEU A 312 3.91 -11.52 -0.70
C LEU A 312 4.67 -12.13 0.46
N GLU A 313 4.32 -13.37 0.80
CA GLU A 313 4.99 -14.04 1.90
C GLU A 313 6.49 -14.13 1.60
N PRO A 314 7.35 -13.85 2.59
CA PRO A 314 8.79 -13.74 2.27
C PRO A 314 9.40 -14.98 1.62
N GLN A 315 8.99 -16.19 2.00
CA GLN A 315 9.64 -17.35 1.40
C GLN A 315 9.24 -17.56 -0.07
N LEU A 316 8.35 -16.73 -0.63
CA LEU A 316 7.99 -16.78 -2.04
C LEU A 316 8.74 -15.76 -2.89
N TRP A 317 9.49 -14.85 -2.28
CA TRP A 317 10.05 -13.72 -3.02
C TRP A 317 10.99 -14.18 -4.12
N SER A 318 11.90 -15.10 -3.82
CA SER A 318 12.87 -15.52 -4.81
C SER A 318 12.20 -16.18 -6.00
N GLN A 319 11.21 -17.03 -5.73
CA GLN A 319 10.45 -17.67 -6.81
C GLN A 319 9.80 -16.63 -7.72
N LEU A 320 9.14 -15.64 -7.12
CA LEU A 320 8.43 -14.63 -7.91
C LEU A 320 9.40 -13.66 -8.57
N ALA A 321 10.52 -13.34 -7.93
CA ALA A 321 11.51 -12.50 -8.59
C ALA A 321 12.09 -13.18 -9.83
N ASP A 322 12.37 -14.49 -9.75
CA ASP A 322 12.81 -15.22 -10.93
C ASP A 322 11.72 -15.25 -11.99
N PHE A 323 10.48 -15.52 -11.57
CA PHE A 323 9.36 -15.57 -12.52
C PHE A 323 9.22 -14.23 -13.25
N CYS A 324 9.33 -13.12 -12.53
CA CYS A 324 9.17 -11.82 -13.16
C CYS A 324 10.33 -11.51 -14.10
N GLN A 325 11.56 -11.74 -13.65
CA GLN A 325 12.73 -11.38 -14.47
C GLN A 325 12.98 -12.38 -15.59
N VAL A 326 13.06 -13.66 -15.24
CA VAL A 326 13.33 -14.69 -16.25
C VAL A 326 12.07 -14.99 -17.04
N GLY A 327 10.95 -15.22 -16.35
CA GLY A 327 9.76 -15.66 -17.03
C GLY A 327 9.14 -14.57 -17.89
N LEU A 328 8.96 -13.38 -17.31
CA LEU A 328 8.25 -12.31 -17.99
C LEU A 328 9.16 -11.21 -18.49
N GLY A 329 10.48 -11.35 -18.32
CA GLY A 329 11.40 -10.34 -18.81
C GLY A 329 11.24 -8.97 -18.17
N LEU A 330 10.68 -8.90 -16.96
CA LEU A 330 10.52 -7.64 -16.27
C LEU A 330 11.81 -7.27 -15.54
N GLU A 331 12.01 -5.97 -15.31
CA GLU A 331 13.24 -5.45 -14.76
C GLU A 331 13.05 -5.25 -13.26
N LEU A 332 13.90 -5.89 -12.46
CA LEU A 332 13.86 -5.73 -11.02
C LEU A 332 14.44 -4.36 -10.65
N VAL A 333 13.71 -3.61 -9.85
CA VAL A 333 14.14 -2.25 -9.51
C VAL A 333 15.08 -2.25 -8.32
N LYS A 334 14.81 -3.06 -7.31
CA LYS A 334 15.68 -3.11 -6.15
C LYS A 334 15.65 -4.52 -5.59
N GLY A 335 16.58 -4.78 -4.67
CA GLY A 335 16.67 -6.06 -4.02
C GLY A 335 15.61 -6.24 -2.94
N TYR A 336 15.75 -7.34 -2.21
CA TYR A 336 14.75 -7.71 -1.23
C TYR A 336 14.62 -6.67 -0.12
N THR A 337 13.37 -6.26 0.13
CA THR A 337 13.03 -5.50 1.32
C THR A 337 11.71 -6.03 1.85
N GLU A 338 11.32 -5.54 3.03
CA GLU A 338 10.13 -6.02 3.73
C GLU A 338 9.21 -4.88 4.12
N GLN A 339 7.91 -5.19 4.07
CA GLN A 339 6.84 -4.34 4.58
C GLN A 339 6.45 -4.80 5.98
N TYR A 340 6.62 -3.93 6.96
CA TYR A 340 6.30 -4.23 8.34
C TYR A 340 4.99 -3.56 8.72
N LEU A 341 4.07 -4.32 9.29
CA LEU A 341 2.86 -3.77 9.89
C LEU A 341 3.08 -3.68 11.39
N LEU A 342 3.07 -2.46 11.91
CA LEU A 342 3.42 -2.16 13.28
C LEU A 342 2.21 -1.60 14.02
N GLU A 343 2.14 -1.89 15.31
CA GLU A 343 1.03 -1.48 16.14
C GLU A 343 1.51 -1.06 17.51
N ALA A 344 0.95 0.03 18.02
CA ALA A 344 1.23 0.51 19.37
C ALA A 344 -0.07 0.83 20.08
N ASP A 345 -0.10 0.56 21.37
CA ASP A 345 -1.26 0.92 22.17
C ASP A 345 -1.32 2.44 22.32
N ILE A 346 -2.52 2.95 22.43
CA ILE A 346 -2.71 4.36 22.78
C ILE A 346 -2.64 4.47 24.29
N HIS A 347 -1.98 5.51 24.80
CA HIS A 347 -1.77 5.69 26.23
C HIS A 347 -2.29 7.06 26.68
N HIS A 348 -2.52 7.19 27.98
CA HIS A 348 -3.04 8.44 28.54
C HIS A 348 -2.26 8.87 29.77
#